data_8P7Q
#
_entry.id   8P7Q
#
_cell.length_a   69.560
_cell.length_b   69.560
_cell.length_c   186.640
_cell.angle_alpha   90.00
_cell.angle_beta   90.00
_cell.angle_gamma   90.00
#
_symmetry.space_group_name_H-M   'P 43 21 2'
#
loop_
_entity.id
_entity.type
_entity.pdbx_description
1 polymer 'Parathion hydrolase'
2 non-polymer 'FORMIC ACID'
3 non-polymer 'ZINC ION'
4 non-polymer GLYCEROL
5 non-polymer 1-ethyl-1-methyl-cyclohexane
6 non-polymer 'propan-2-yl hydrogen (S)-methylphosphonate'
7 non-polymer 'SULFATE ION'
8 water water
#
_entity_poly.entity_id   1
_entity_poly.type   'polypeptide(L)'
_entity_poly.pdbx_seq_one_letter_code
;GDRINTVRGPITISEAGFTLTHEHICGSSAGFLRAWPEFFGSRAALVEKAVRGLRRARAAGVRTIVDVSTFDIGRDVSLL
AEVSRAADVHIVAATGLWEDPPLSMRLRSVEELTQFFLREIQYGIEDTGIRAGIIKVATNGKATPFQELVLRAAARASLA
TGVPVTTHTAASQRDGEQQAAIFESEGLSPSRVCIGHSDDTDDLSYLTALAARGYLIGLDGIPHSAIGLEDNASASALLG
NRSWQTRALLIKALIDQGYMKQILVSNDWLFGFSSYVTNIMDVMDSVNPDGMAFIPLRVIPFLREKGVSQETLAGITVTN
PARFLSPTLRAS
;
_entity_poly.pdbx_strand_id   A
#
loop_
_chem_comp.id
_chem_comp.type
_chem_comp.name
_chem_comp.formula
E8N non-polymer 1-ethyl-1-methyl-cyclohexane 'C9 H18'
FMT non-polymer 'FORMIC ACID' 'C H2 O2'
GOL non-polymer GLYCEROL 'C3 H8 O3'
SO4 non-polymer 'SULFATE ION' 'O4 S -2'
UCJ non-polymer 'propan-2-yl hydrogen (S)-methylphosphonate' 'C4 H11 O3 P'
ZN non-polymer 'ZINC ION' 'Zn 2'
#
# COMPACT_ATOMS: atom_id res chain seq x y z
N ASP A 2 14.20 9.38 -13.01
CA ASP A 2 14.24 10.67 -12.28
C ASP A 2 12.82 11.25 -12.09
N ARG A 3 11.74 10.57 -12.53
CA ARG A 3 10.38 11.10 -12.24
C ARG A 3 9.50 9.95 -11.73
N ILE A 4 8.60 10.28 -10.82
CA ILE A 4 7.55 9.36 -10.33
C ILE A 4 6.21 9.87 -10.89
N ASN A 5 5.43 8.98 -11.46
CA ASN A 5 4.06 9.30 -11.93
C ASN A 5 3.11 9.43 -10.72
N THR A 6 2.38 10.54 -10.68
CA THR A 6 1.28 10.78 -9.71
C THR A 6 0.01 11.01 -10.51
N VAL A 7 -1.08 11.13 -9.79
CA VAL A 7 -2.41 11.35 -10.44
C VAL A 7 -2.48 12.76 -11.03
N ARG A 8 -1.55 13.64 -10.65
CA ARG A 8 -1.47 15.00 -11.28
C ARG A 8 -0.27 15.12 -12.20
N GLY A 9 0.37 14.03 -12.60
CA GLY A 9 1.53 14.06 -13.50
C GLY A 9 2.84 13.73 -12.80
N PRO A 10 3.95 13.79 -13.56
CA PRO A 10 5.26 13.40 -13.07
C PRO A 10 5.76 14.39 -12.04
N ILE A 11 6.41 13.85 -11.00
CA ILE A 11 7.07 14.69 -9.97
C ILE A 11 8.52 14.21 -9.88
N THR A 12 9.37 15.11 -9.42
CA THR A 12 10.79 14.76 -9.19
C THR A 12 10.87 13.92 -7.93
N ILE A 13 11.94 13.15 -7.77
CA ILE A 13 12.17 12.37 -6.52
C ILE A 13 12.12 13.31 -5.31
N SER A 14 12.78 14.49 -5.35
CA SER A 14 12.86 15.37 -4.17
C SER A 14 11.48 15.93 -3.83
N GLU A 15 10.56 16.01 -4.80
CA GLU A 15 9.18 16.50 -4.50
C GLU A 15 8.39 15.48 -3.66
N ALA A 16 8.72 14.18 -3.71
CA ALA A 16 7.88 13.19 -2.99
C ALA A 16 7.88 13.45 -1.48
N GLY A 17 9.06 13.79 -0.90
CA GLY A 17 9.14 14.08 0.53
C GLY A 17 8.64 12.93 1.39
N PHE A 18 8.12 13.23 2.55
CA PHE A 18 7.60 12.22 3.49
C PHE A 18 6.49 11.45 2.78
N THR A 19 6.65 10.13 2.62
CA THR A 19 5.73 9.34 1.77
C THR A 19 5.19 8.15 2.55
N LEU A 20 3.87 7.99 2.54
CA LEU A 20 3.16 6.83 3.12
C LEU A 20 2.99 5.85 1.98
N THR A 21 3.58 4.65 2.07
CA THR A 21 3.72 3.77 0.88
C THR A 21 2.58 2.77 0.70
N HIS A 22 1.64 2.72 1.60
CA HIS A 22 0.50 1.77 1.50
C HIS A 22 -0.72 2.41 2.14
N GLU A 23 -1.54 3.04 1.32
CA GLU A 23 -2.75 3.73 1.77
C GLU A 23 -3.86 3.55 0.72
N HIS A 24 -5.06 4.00 1.08
CA HIS A 24 -6.24 3.98 0.18
C HIS A 24 -7.05 5.26 0.40
N ILE A 25 -7.52 5.87 -0.67
CA ILE A 25 -8.61 6.88 -0.56
C ILE A 25 -9.88 6.09 -0.24
N CYS A 26 -10.13 5.01 -0.98
CA CYS A 26 -11.40 4.27 -0.83
C CYS A 26 -11.13 2.81 -1.13
N GLY A 27 -11.50 1.95 -0.20
CA GLY A 27 -11.37 0.49 -0.40
C GLY A 27 -12.71 -0.08 -0.83
N SER A 28 -12.85 -0.30 -2.12
CA SER A 28 -14.16 -0.61 -2.72
C SER A 28 -14.00 -1.74 -3.75
N SER A 29 -14.83 -1.70 -4.79
CA SER A 29 -14.84 -2.72 -5.87
C SER A 29 -15.03 -2.01 -7.22
N ALA A 30 -14.54 -2.59 -8.33
CA ALA A 30 -14.62 -1.96 -9.66
C ALA A 30 -16.09 -1.56 -9.90
N GLY A 31 -16.33 -0.30 -10.25
CA GLY A 31 -17.65 0.19 -10.67
C GLY A 31 -18.54 0.59 -9.51
N PHE A 32 -18.21 0.23 -8.27
CA PHE A 32 -19.14 0.32 -7.14
C PHE A 32 -19.42 1.78 -6.76
N LEU A 33 -18.40 2.63 -6.74
CA LEU A 33 -18.63 4.03 -6.32
C LEU A 33 -19.51 4.75 -7.37
N ARG A 34 -19.32 4.39 -8.65
CA ARG A 34 -20.13 4.99 -9.73
C ARG A 34 -21.58 4.50 -9.65
N ALA A 35 -21.79 3.22 -9.32
CA ALA A 35 -23.16 2.64 -9.33
C ALA A 35 -23.93 2.88 -8.01
N TRP A 36 -23.21 3.09 -6.91
CA TRP A 36 -23.90 3.16 -5.62
C TRP A 36 -23.21 4.17 -4.71
N PRO A 37 -23.07 5.44 -5.15
CA PRO A 37 -22.35 6.44 -4.36
C PRO A 37 -23.01 6.67 -3.00
N GLU A 38 -24.33 6.46 -2.89
CA GLU A 38 -25.07 6.68 -1.62
C GLU A 38 -24.53 5.73 -0.55
N PHE A 39 -23.89 4.63 -0.93
CA PHE A 39 -23.30 3.72 0.09
C PHE A 39 -22.38 4.54 1.02
N PHE A 40 -21.68 5.51 0.45
CA PHE A 40 -20.70 6.36 1.16
C PHE A 40 -21.35 7.68 1.62
N GLY A 41 -22.68 7.74 1.71
CA GLY A 41 -23.41 9.01 1.92
C GLY A 41 -23.63 9.65 0.58
N SER A 42 -22.54 10.10 -0.03
CA SER A 42 -22.49 10.63 -1.39
C SER A 42 -21.03 10.61 -1.83
N ARG A 43 -20.81 10.76 -3.11
CA ARG A 43 -19.44 10.93 -3.65
C ARG A 43 -18.85 12.21 -3.05
N ALA A 44 -19.64 13.28 -2.93
CA ALA A 44 -19.13 14.57 -2.39
C ALA A 44 -18.72 14.39 -0.94
N ALA A 45 -19.46 13.61 -0.16
CA ALA A 45 -19.13 13.37 1.27
C ALA A 45 -17.80 12.61 1.36
N LEU A 46 -17.61 11.61 0.50
CA LEU A 46 -16.34 10.83 0.51
C LEU A 46 -15.17 11.76 0.14
N VAL A 47 -15.34 12.56 -0.90
CA VAL A 47 -14.31 13.54 -1.33
C VAL A 47 -13.99 14.44 -0.12
N GLU A 48 -15.00 15.00 0.55
CA GLU A 48 -14.76 15.99 1.64
C GLU A 48 -14.01 15.31 2.78
N LYS A 49 -14.38 14.08 3.10
CA LYS A 49 -13.76 13.31 4.20
C LYS A 49 -12.27 13.08 3.84
N ALA A 50 -12.00 12.66 2.62
CA ALA A 50 -10.62 12.35 2.18
C ALA A 50 -9.76 13.60 2.18
N VAL A 51 -10.30 14.72 1.70
CA VAL A 51 -9.56 16.01 1.68
C VAL A 51 -9.22 16.42 3.12
N ARG A 52 -10.17 16.35 4.02
CA ARG A 52 -9.97 16.72 5.44
C ARG A 52 -8.87 15.82 5.99
N GLY A 53 -8.93 14.52 5.69
CA GLY A 53 -7.95 13.58 6.24
C GLY A 53 -6.57 13.85 5.69
N LEU A 54 -6.47 14.12 4.39
CA LEU A 54 -5.14 14.30 3.78
C LEU A 54 -4.60 15.66 4.21
N ARG A 55 -5.48 16.65 4.45
CA ARG A 55 -4.99 17.96 4.97
C ARG A 55 -4.37 17.74 6.35
N ARG A 56 -4.98 16.96 7.22
CA ARG A 56 -4.44 16.67 8.57
C ARG A 56 -3.11 15.92 8.42
N ALA A 57 -3.00 14.97 7.50
CA ALA A 57 -1.73 14.26 7.25
C ALA A 57 -0.66 15.28 6.83
N ARG A 58 -1.01 16.16 5.89
CA ARG A 58 -0.04 17.12 5.34
C ARG A 58 0.44 18.01 6.49
N ALA A 59 -0.47 18.45 7.36
CA ALA A 59 -0.09 19.35 8.49
C ALA A 59 0.88 18.60 9.41
N ALA A 60 0.76 17.26 9.51
CA ALA A 60 1.66 16.39 10.30
C ALA A 60 2.96 16.06 9.56
N GLY A 61 3.14 16.44 8.28
CA GLY A 61 4.42 16.37 7.56
C GLY A 61 4.35 15.46 6.34
N VAL A 62 3.21 14.79 6.09
CA VAL A 62 3.10 13.89 4.90
C VAL A 62 3.03 14.73 3.64
N ARG A 63 3.75 14.34 2.60
CA ARG A 63 3.75 15.07 1.31
C ARG A 63 3.18 14.20 0.20
N THR A 64 3.29 12.89 0.35
CA THR A 64 2.88 11.94 -0.72
C THR A 64 2.26 10.73 -0.07
N ILE A 65 1.17 10.22 -0.67
CA ILE A 65 0.72 8.85 -0.35
C ILE A 65 0.74 8.02 -1.61
N VAL A 66 0.99 6.74 -1.40
CA VAL A 66 0.85 5.74 -2.48
C VAL A 66 -0.48 5.03 -2.22
N ASP A 67 -1.42 5.27 -3.13
CA ASP A 67 -2.75 4.63 -3.06
C ASP A 67 -2.62 3.27 -3.78
N VAL A 68 -2.58 2.21 -3.01
CA VAL A 68 -2.30 0.86 -3.58
C VAL A 68 -3.62 0.18 -3.94
N SER A 69 -4.65 0.98 -4.18
CA SER A 69 -5.91 0.45 -4.72
C SER A 69 -5.74 0.05 -6.19
N THR A 70 -6.05 -1.20 -6.55
CA THR A 70 -6.09 -1.70 -7.92
C THR A 70 -7.47 -1.51 -8.55
N PHE A 71 -7.57 -1.94 -9.81
CA PHE A 71 -8.85 -2.16 -10.54
C PHE A 71 -9.89 -2.77 -9.59
N ASP A 72 -9.57 -3.88 -8.92
CA ASP A 72 -10.55 -4.68 -8.14
C ASP A 72 -10.75 -4.14 -6.72
N ILE A 73 -9.98 -3.15 -6.29
CA ILE A 73 -10.31 -2.34 -5.08
C ILE A 73 -11.18 -1.18 -5.48
N GLY A 74 -11.56 -1.09 -6.76
CA GLY A 74 -12.44 0.01 -7.19
C GLY A 74 -11.74 1.34 -7.27
N ARG A 75 -10.44 1.33 -7.51
CA ARG A 75 -9.61 2.53 -7.75
C ARG A 75 -10.31 3.44 -8.76
N ASP A 76 -10.52 4.69 -8.35
CA ASP A 76 -11.11 5.75 -9.19
C ASP A 76 -10.09 6.88 -9.29
N VAL A 77 -9.27 6.85 -10.35
CA VAL A 77 -8.13 7.80 -10.41
C VAL A 77 -8.63 9.23 -10.52
N SER A 78 -9.85 9.50 -11.01
CA SER A 78 -10.37 10.90 -11.03
C SER A 78 -10.75 11.37 -9.63
N LEU A 79 -11.21 10.46 -8.79
CA LEU A 79 -11.39 10.71 -7.34
C LEU A 79 -10.03 11.01 -6.68
N LEU A 80 -9.00 10.20 -6.96
CA LEU A 80 -7.66 10.48 -6.38
C LEU A 80 -7.14 11.85 -6.84
N ALA A 81 -7.29 12.18 -8.12
CA ALA A 81 -6.81 13.48 -8.68
C ALA A 81 -7.53 14.63 -7.97
N GLU A 82 -8.83 14.51 -7.78
CA GLU A 82 -9.65 15.58 -7.17
C GLU A 82 -9.16 15.81 -5.74
N VAL A 83 -8.98 14.71 -4.99
CA VAL A 83 -8.59 14.78 -3.57
C VAL A 83 -7.13 15.29 -3.48
N SER A 84 -6.26 14.82 -4.34
CA SER A 84 -4.83 15.24 -4.38
C SER A 84 -4.75 16.77 -4.58
N ARG A 85 -5.48 17.28 -5.58
CA ARG A 85 -5.47 18.73 -5.90
C ARG A 85 -5.96 19.52 -4.68
N ALA A 86 -7.07 19.14 -4.08
CA ALA A 86 -7.71 19.90 -2.99
C ALA A 86 -6.86 19.81 -1.72
N ALA A 87 -6.18 18.69 -1.47
CA ALA A 87 -5.40 18.55 -0.21
C ALA A 87 -3.93 18.97 -0.39
N ASP A 88 -3.43 19.17 -1.60
CA ASP A 88 -2.01 19.48 -1.87
C ASP A 88 -1.14 18.36 -1.29
N VAL A 89 -1.53 17.11 -1.57
CA VAL A 89 -0.76 15.88 -1.21
C VAL A 89 -0.66 15.06 -2.51
N HIS A 90 0.56 14.73 -2.92
CA HIS A 90 0.80 13.89 -4.09
C HIS A 90 0.15 12.53 -3.84
N ILE A 91 -0.46 11.98 -4.89
CA ILE A 91 -0.98 10.59 -4.81
C ILE A 91 -0.41 9.80 -5.95
N VAL A 92 0.28 8.70 -5.62
CA VAL A 92 0.73 7.72 -6.63
C VAL A 92 -0.35 6.66 -6.74
N ALA A 93 -0.81 6.40 -7.96
CA ALA A 93 -1.80 5.37 -8.22
C ALA A 93 -1.13 4.04 -8.56
N ALA A 94 -1.92 2.97 -8.48
CA ALA A 94 -1.46 1.58 -8.63
C ALA A 94 -2.14 0.95 -9.82
N THR A 95 -1.46 -0.04 -10.39
CA THR A 95 -2.05 -1.08 -11.25
C THR A 95 -1.91 -2.40 -10.51
N GLY A 96 -2.12 -3.50 -11.21
CA GLY A 96 -2.10 -4.82 -10.58
C GLY A 96 -3.48 -5.36 -10.24
N LEU A 97 -3.54 -6.43 -9.46
CA LEU A 97 -4.80 -7.04 -9.00
C LEU A 97 -4.63 -7.48 -7.57
N TRP A 98 -5.69 -7.23 -6.81
CA TRP A 98 -5.75 -7.63 -5.38
C TRP A 98 -6.51 -8.95 -5.31
N GLU A 99 -7.22 -9.20 -4.23
CA GLU A 99 -7.79 -10.52 -3.94
C GLU A 99 -9.22 -10.69 -4.47
N ASP A 100 -9.74 -9.74 -5.20
CA ASP A 100 -11.14 -9.80 -5.67
C ASP A 100 -11.23 -9.57 -7.16
N PRO A 101 -10.40 -10.22 -8.01
CA PRO A 101 -10.54 -10.01 -9.45
C PRO A 101 -11.85 -10.63 -9.96
N PRO A 102 -12.51 -9.98 -10.92
CA PRO A 102 -13.67 -10.56 -11.56
C PRO A 102 -13.29 -11.60 -12.60
N LEU A 103 -14.27 -12.32 -13.11
CA LEU A 103 -14.01 -13.36 -14.14
C LEU A 103 -13.27 -12.80 -15.35
N SER A 104 -13.54 -11.57 -15.76
CA SER A 104 -12.90 -11.02 -16.99
C SER A 104 -11.37 -10.88 -16.76
N MET A 105 -10.96 -10.86 -15.50
CA MET A 105 -9.50 -10.82 -15.20
C MET A 105 -8.98 -12.22 -14.85
N ARG A 106 -9.78 -13.00 -14.12
N ARG A 106 -9.79 -13.01 -14.13
CA ARG A 106 -9.32 -14.35 -13.66
CA ARG A 106 -9.31 -14.34 -13.66
C ARG A 106 -9.08 -15.32 -14.83
C ARG A 106 -9.09 -15.32 -14.83
N LEU A 107 -9.74 -15.09 -15.97
CA LEU A 107 -9.63 -16.02 -17.12
C LEU A 107 -8.42 -15.64 -18.01
N ARG A 108 -7.67 -14.61 -17.64
CA ARG A 108 -6.60 -14.09 -18.53
C ARG A 108 -5.29 -14.85 -18.33
N SER A 109 -4.47 -14.82 -19.38
CA SER A 109 -3.13 -15.43 -19.37
C SER A 109 -2.13 -14.49 -18.73
N VAL A 110 -0.94 -15.01 -18.45
CA VAL A 110 0.18 -14.15 -17.98
C VAL A 110 0.50 -13.06 -18.99
N GLU A 111 0.44 -13.35 -20.29
CA GLU A 111 0.76 -12.33 -21.32
C GLU A 111 -0.33 -11.24 -21.35
N GLU A 112 -1.59 -11.64 -21.32
CA GLU A 112 -2.73 -10.70 -21.29
C GLU A 112 -2.62 -9.80 -20.06
N LEU A 113 -2.39 -10.39 -18.89
CA LEU A 113 -2.27 -9.54 -17.69
C LEU A 113 -1.11 -8.56 -17.82
N THR A 114 0.02 -8.99 -18.34
CA THR A 114 1.18 -8.09 -18.52
C THR A 114 0.76 -6.93 -19.42
N GLN A 115 0.03 -7.24 -20.50
CA GLN A 115 -0.47 -6.16 -21.35
C GLN A 115 -1.31 -5.17 -20.53
N PHE A 116 -2.25 -5.66 -19.73
CA PHE A 116 -3.11 -4.78 -18.92
C PHE A 116 -2.31 -3.92 -17.94
N PHE A 117 -1.38 -4.54 -17.19
CA PHE A 117 -0.55 -3.77 -16.22
C PHE A 117 0.29 -2.72 -16.97
N LEU A 118 0.87 -3.09 -18.10
CA LEU A 118 1.69 -2.11 -18.88
C LEU A 118 0.81 -0.96 -19.40
N ARG A 119 -0.42 -1.27 -19.77
CA ARG A 119 -1.35 -0.21 -20.23
C ARG A 119 -1.46 0.85 -19.14
N GLU A 120 -1.65 0.40 -17.90
CA GLU A 120 -1.91 1.37 -16.80
C GLU A 120 -0.63 2.11 -16.42
N ILE A 121 0.52 1.47 -16.64
CA ILE A 121 1.83 2.14 -16.33
C ILE A 121 2.25 3.06 -17.48
N GLN A 122 2.10 2.61 -18.72
CA GLN A 122 2.77 3.22 -19.88
C GLN A 122 1.85 4.16 -20.65
N TYR A 123 0.55 3.93 -20.64
CA TYR A 123 -0.42 4.65 -21.51
C TYR A 123 -1.34 5.46 -20.63
N GLY A 124 -2.06 4.77 -19.74
CA GLY A 124 -2.95 5.44 -18.80
C GLY A 124 -4.04 4.54 -18.27
N ILE A 125 -4.65 4.99 -17.17
CA ILE A 125 -5.77 4.28 -16.53
C ILE A 125 -7.06 4.77 -17.19
N GLU A 126 -7.82 3.82 -17.70
CA GLU A 126 -9.08 4.12 -18.40
C GLU A 126 -8.73 5.14 -19.50
N ASP A 127 -9.53 6.21 -19.61
CA ASP A 127 -9.32 7.27 -20.63
C ASP A 127 -8.74 8.52 -19.98
N THR A 128 -8.10 8.40 -18.80
CA THR A 128 -7.72 9.57 -17.95
C THR A 128 -6.35 10.09 -18.32
N GLY A 129 -5.48 9.27 -18.93
CA GLY A 129 -4.07 9.60 -19.14
C GLY A 129 -3.24 9.53 -17.85
N ILE A 130 -3.86 9.19 -16.72
CA ILE A 130 -3.15 9.01 -15.42
C ILE A 130 -2.44 7.67 -15.42
N ARG A 131 -1.15 7.68 -15.14
CA ARG A 131 -0.31 6.46 -15.19
C ARG A 131 -0.02 5.98 -13.76
N ALA A 132 -0.09 4.69 -13.56
CA ALA A 132 0.30 4.05 -12.28
C ALA A 132 1.81 4.21 -12.05
N GLY A 133 2.19 4.35 -10.79
CA GLY A 133 3.60 4.41 -10.37
C GLY A 133 3.94 3.25 -9.47
N ILE A 134 3.09 2.21 -9.39
CA ILE A 134 3.37 0.98 -8.62
C ILE A 134 2.43 -0.11 -9.09
N ILE A 135 2.82 -1.37 -8.89
CA ILE A 135 2.02 -2.56 -9.25
C ILE A 135 1.71 -3.24 -7.93
N LYS A 136 0.44 -3.47 -7.64
CA LYS A 136 -0.05 -4.11 -6.42
C LYS A 136 -0.50 -5.54 -6.74
N VAL A 137 -0.11 -6.51 -5.89
CA VAL A 137 -0.52 -7.92 -6.09
C VAL A 137 -0.89 -8.51 -4.72
N ALA A 138 -1.51 -9.70 -4.71
CA ALA A 138 -2.01 -10.25 -3.45
C ALA A 138 -2.01 -11.77 -3.50
N THR A 139 -1.72 -12.35 -2.36
CA THR A 139 -2.06 -13.74 -1.99
C THR A 139 -2.61 -13.74 -0.57
N ASN A 140 -3.37 -14.77 -0.26
CA ASN A 140 -3.86 -15.01 1.13
C ASN A 140 -3.57 -16.47 1.45
N GLY A 141 -2.33 -16.78 1.80
CA GLY A 141 -1.85 -18.17 1.83
C GLY A 141 -1.31 -18.60 0.48
N LYS A 142 -1.22 -19.89 0.23
CA LYS A 142 -0.65 -20.42 -1.01
C LYS A 142 -1.36 -19.71 -2.17
N ALA A 143 -0.61 -19.25 -3.14
CA ALA A 143 -1.16 -18.56 -4.33
C ALA A 143 -2.12 -19.48 -5.08
N THR A 144 -3.25 -18.92 -5.48
CA THR A 144 -4.12 -19.61 -6.45
C THR A 144 -3.35 -19.70 -7.75
N PRO A 145 -3.75 -20.57 -8.69
CA PRO A 145 -3.13 -20.58 -10.01
C PRO A 145 -3.18 -19.19 -10.69
N PHE A 146 -4.31 -18.51 -10.53
CA PHE A 146 -4.47 -17.19 -11.17
C PHE A 146 -3.52 -16.22 -10.50
N GLN A 147 -3.39 -16.27 -9.18
CA GLN A 147 -2.48 -15.34 -8.47
C GLN A 147 -1.02 -15.59 -8.89
N GLU A 148 -0.62 -16.82 -9.20
CA GLU A 148 0.74 -17.04 -9.73
C GLU A 148 0.91 -16.28 -11.05
N LEU A 149 -0.10 -16.30 -11.92
CA LEU A 149 -0.03 -15.50 -13.17
C LEU A 149 0.08 -14.01 -12.84
N VAL A 150 -0.72 -13.49 -11.90
CA VAL A 150 -0.64 -12.06 -11.54
C VAL A 150 0.78 -11.70 -11.09
N LEU A 151 1.36 -12.51 -10.18
CA LEU A 151 2.69 -12.16 -9.64
C LEU A 151 3.71 -12.18 -10.78
N ARG A 152 3.63 -13.13 -11.72
CA ARG A 152 4.52 -13.19 -12.88
C ARG A 152 4.32 -11.99 -13.81
N ALA A 153 3.08 -11.63 -14.12
CA ALA A 153 2.76 -10.45 -14.94
C ALA A 153 3.26 -9.16 -14.26
N ALA A 154 3.16 -9.03 -12.93
CA ALA A 154 3.63 -7.85 -12.20
C ALA A 154 5.15 -7.79 -12.39
N ALA A 155 5.81 -8.94 -12.25
CA ALA A 155 7.28 -9.01 -12.46
C ALA A 155 7.63 -8.56 -13.90
N ARG A 156 6.91 -9.05 -14.88
CA ARG A 156 7.19 -8.67 -16.30
C ARG A 156 6.98 -7.19 -16.51
N ALA A 157 5.89 -6.64 -15.94
CA ALA A 157 5.59 -5.22 -16.08
C ALA A 157 6.68 -4.40 -15.40
N SER A 158 7.17 -4.82 -14.23
CA SER A 158 8.24 -4.11 -13.53
C SER A 158 9.56 -4.18 -14.35
N LEU A 159 9.88 -5.34 -14.87
CA LEU A 159 11.10 -5.54 -15.68
C LEU A 159 11.09 -4.68 -16.94
N ALA A 160 9.93 -4.35 -17.46
CA ALA A 160 9.84 -3.51 -18.69
C ALA A 160 9.96 -2.02 -18.35
N THR A 161 9.51 -1.60 -17.16
CA THR A 161 9.26 -0.17 -16.84
C THR A 161 10.13 0.36 -15.70
N GLY A 162 10.60 -0.51 -14.83
CA GLY A 162 11.28 -0.05 -13.60
C GLY A 162 10.35 0.29 -12.45
N VAL A 163 9.04 0.24 -12.63
CA VAL A 163 8.05 0.56 -11.58
C VAL A 163 8.09 -0.59 -10.58
N PRO A 164 8.04 -0.26 -9.27
CA PRO A 164 8.09 -1.30 -8.23
C PRO A 164 6.79 -2.10 -8.07
N VAL A 165 6.94 -3.21 -7.36
CA VAL A 165 5.83 -4.12 -7.02
C VAL A 165 5.66 -4.05 -5.51
N THR A 166 4.41 -4.01 -5.05
CA THR A 166 4.08 -4.04 -3.61
C THR A 166 3.04 -5.12 -3.40
N THR A 167 3.11 -5.84 -2.29
CA THR A 167 2.24 -7.03 -2.14
C THR A 167 1.35 -6.95 -0.90
N HIS A 168 0.22 -7.63 -1.03
CA HIS A 168 -0.65 -8.07 0.10
C HIS A 168 -0.29 -9.51 0.42
N THR A 169 -0.09 -9.78 1.71
CA THR A 169 0.21 -11.14 2.21
C THR A 169 -0.77 -11.48 3.34
N ALA A 170 -0.94 -12.77 3.53
CA ALA A 170 -1.28 -13.39 4.82
C ALA A 170 0.05 -13.64 5.54
N ALA A 171 0.54 -12.64 6.28
CA ALA A 171 1.94 -12.62 6.77
C ALA A 171 2.16 -13.85 7.68
N SER A 172 1.17 -14.21 8.48
CA SER A 172 1.27 -15.39 9.39
C SER A 172 1.44 -16.72 8.63
N GLN A 173 1.10 -16.75 7.34
CA GLN A 173 1.26 -17.92 6.45
C GLN A 173 2.55 -17.81 5.62
N ARG A 174 3.35 -16.78 5.90
CA ARG A 174 4.69 -16.57 5.29
C ARG A 174 4.57 -16.46 3.77
N ASP A 175 3.51 -15.86 3.27
CA ASP A 175 3.28 -15.82 1.80
C ASP A 175 4.50 -15.19 1.08
N GLY A 176 5.17 -14.21 1.69
CA GLY A 176 6.28 -13.55 1.00
C GLY A 176 7.31 -14.53 0.49
N GLU A 177 7.48 -15.69 1.13
CA GLU A 177 8.44 -16.72 0.64
C GLU A 177 8.01 -17.15 -0.78
N GLN A 178 6.74 -17.50 -0.99
CA GLN A 178 6.29 -17.97 -2.31
C GLN A 178 6.28 -16.79 -3.28
N GLN A 179 5.91 -15.61 -2.80
CA GLN A 179 5.86 -14.41 -3.69
C GLN A 179 7.28 -14.14 -4.21
N ALA A 180 8.27 -14.16 -3.31
CA ALA A 180 9.70 -14.01 -3.66
C ALA A 180 10.10 -15.06 -4.71
N ALA A 181 9.75 -16.31 -4.48
CA ALA A 181 10.13 -17.45 -5.37
C ALA A 181 9.61 -17.15 -6.77
N ILE A 182 8.36 -16.71 -6.89
CA ILE A 182 7.75 -16.48 -8.22
C ILE A 182 8.42 -15.28 -8.87
N PHE A 183 8.53 -14.17 -8.15
CA PHE A 183 9.18 -12.97 -8.68
C PHE A 183 10.57 -13.31 -9.19
N GLU A 184 11.33 -14.04 -8.39
CA GLU A 184 12.76 -14.34 -8.76
C GLU A 184 12.82 -15.27 -9.96
N SER A 185 11.80 -16.13 -10.12
CA SER A 185 11.74 -17.08 -11.26
C SER A 185 11.55 -16.28 -12.55
N GLU A 186 10.98 -15.07 -12.47
CA GLU A 186 10.83 -14.17 -13.66
C GLU A 186 12.01 -13.21 -13.79
N GLY A 187 12.98 -13.24 -12.88
CA GLY A 187 14.15 -12.38 -13.01
C GLY A 187 14.03 -11.04 -12.35
N LEU A 188 13.01 -10.82 -11.52
CA LEU A 188 12.80 -9.50 -10.85
C LEU A 188 13.78 -9.33 -9.66
N SER A 189 14.41 -8.17 -9.58
CA SER A 189 15.26 -7.80 -8.42
C SER A 189 14.39 -7.61 -7.18
N PRO A 190 14.73 -8.23 -6.04
CA PRO A 190 14.08 -7.94 -4.77
C PRO A 190 14.03 -6.46 -4.39
N SER A 191 14.99 -5.70 -4.90
CA SER A 191 15.05 -4.24 -4.59
C SER A 191 13.86 -3.50 -5.20
N ARG A 192 13.12 -4.18 -6.07
CA ARG A 192 11.96 -3.54 -6.72
C ARG A 192 10.66 -4.05 -6.08
N VAL A 193 10.78 -4.72 -4.94
CA VAL A 193 9.60 -5.36 -4.35
C VAL A 193 9.43 -5.09 -2.86
N CYS A 194 8.23 -4.65 -2.48
CA CYS A 194 7.83 -4.51 -1.09
C CYS A 194 6.91 -5.66 -0.75
N ILE A 195 7.28 -6.49 0.23
CA ILE A 195 6.40 -7.53 0.81
C ILE A 195 5.56 -6.89 1.94
N GLY A 196 4.28 -6.63 1.66
CA GLY A 196 3.44 -5.81 2.54
C GLY A 196 2.63 -6.66 3.55
N HIS A 197 1.96 -5.93 4.42
CA HIS A 197 1.28 -6.44 5.64
C HIS A 197 2.23 -7.30 6.47
N SER A 198 3.54 -7.02 6.37
CA SER A 198 4.56 -7.76 7.13
C SER A 198 4.52 -7.45 8.64
N ASP A 199 3.87 -6.39 9.08
CA ASP A 199 3.64 -6.08 10.51
C ASP A 199 2.51 -6.96 11.08
N ASP A 200 1.86 -7.77 10.27
CA ASP A 200 0.78 -8.68 10.78
C ASP A 200 1.42 -9.90 11.46
N THR A 201 2.73 -10.07 11.41
CA THR A 201 3.42 -11.24 12.01
C THR A 201 4.47 -10.75 12.99
N ASP A 202 4.75 -11.56 13.99
CA ASP A 202 5.95 -11.31 14.85
C ASP A 202 7.13 -12.22 14.48
N ASP A 203 7.03 -13.01 13.43
CA ASP A 203 8.03 -14.03 13.07
C ASP A 203 9.25 -13.33 12.43
N LEU A 204 10.29 -13.10 13.23
CA LEU A 204 11.54 -12.46 12.75
C LEU A 204 12.30 -13.35 11.80
N SER A 205 12.11 -14.69 11.90
CA SER A 205 12.77 -15.69 11.02
C SER A 205 12.25 -15.49 9.58
N TYR A 206 10.97 -15.20 9.43
CA TYR A 206 10.30 -14.88 8.14
C TYR A 206 10.73 -13.49 7.64
N LEU A 207 10.60 -12.46 8.49
CA LEU A 207 10.88 -11.07 8.06
C LEU A 207 12.36 -10.95 7.66
N THR A 208 13.29 -11.51 8.42
CA THR A 208 14.74 -11.41 8.09
C THR A 208 15.08 -12.28 6.89
N ALA A 209 14.40 -13.40 6.65
CA ALA A 209 14.65 -14.21 5.45
C ALA A 209 14.34 -13.37 4.21
N LEU A 210 13.29 -12.56 4.27
CA LEU A 210 12.92 -11.69 3.09
C LEU A 210 13.93 -10.55 3.03
N ALA A 211 14.23 -9.92 4.15
CA ALA A 211 15.11 -8.73 4.13
C ALA A 211 16.51 -9.16 3.71
N ALA A 212 16.96 -10.33 4.12
CA ALA A 212 18.34 -10.72 3.77
C ALA A 212 18.53 -10.86 2.26
N ARG A 213 17.51 -11.23 1.52
CA ARG A 213 17.67 -11.39 0.06
C ARG A 213 17.36 -10.08 -0.67
N GLY A 214 17.09 -8.99 0.02
CA GLY A 214 17.02 -7.64 -0.53
C GLY A 214 15.62 -7.10 -0.72
N TYR A 215 14.58 -7.79 -0.23
CA TYR A 215 13.18 -7.27 -0.28
C TYR A 215 13.00 -6.07 0.64
N LEU A 216 12.14 -5.14 0.22
CA LEU A 216 11.61 -4.10 1.13
C LEU A 216 10.47 -4.72 1.93
N ILE A 217 10.43 -4.34 3.19
CA ILE A 217 9.48 -4.93 4.18
C ILE A 217 8.43 -3.87 4.52
N GLY A 218 7.18 -4.12 4.10
CA GLY A 218 6.04 -3.22 4.31
C GLY A 218 5.43 -3.38 5.70
N LEU A 219 5.77 -2.48 6.63
CA LEU A 219 5.17 -2.47 7.99
C LEU A 219 4.07 -1.43 7.95
N ASP A 220 2.94 -1.84 7.38
CA ASP A 220 2.02 -0.90 6.70
C ASP A 220 0.68 -0.79 7.38
N GLY A 221 0.45 -1.48 8.49
CA GLY A 221 -0.85 -1.47 9.18
C GLY A 221 -0.70 -1.11 10.64
N ILE A 222 0.15 -0.15 10.94
CA ILE A 222 0.57 0.08 12.35
C ILE A 222 -0.66 0.37 13.23
N PRO A 223 -1.65 1.21 12.82
CA PRO A 223 -2.79 1.49 13.70
C PRO A 223 -3.90 0.43 13.69
N HIS A 224 -3.71 -0.65 12.95
CA HIS A 224 -4.74 -1.74 12.87
C HIS A 224 -4.72 -2.56 14.16
N SER A 225 -5.69 -2.32 15.02
CA SER A 225 -5.81 -3.11 16.26
C SER A 225 -7.27 -3.02 16.75
N ALA A 226 -7.79 -4.17 17.16
CA ALA A 226 -9.14 -4.27 17.75
C ALA A 226 -9.00 -4.36 19.27
N ILE A 227 -7.80 -4.17 19.81
CA ILE A 227 -7.66 -4.19 21.29
C ILE A 227 -8.60 -3.11 21.83
N GLY A 228 -9.39 -3.43 22.84
CA GLY A 228 -10.26 -2.35 23.34
C GLY A 228 -11.62 -2.38 22.72
N LEU A 229 -11.73 -2.75 21.45
CA LEU A 229 -13.09 -2.92 20.90
C LEU A 229 -13.67 -4.15 21.61
N GLU A 230 -14.80 -3.96 22.27
CA GLU A 230 -15.39 -5.09 23.03
C GLU A 230 -16.44 -5.81 22.17
N ASP A 231 -16.34 -7.13 22.06
CA ASP A 231 -17.36 -7.94 21.34
C ASP A 231 -17.62 -7.44 19.92
N ASN A 232 -16.58 -7.23 19.13
CA ASN A 232 -16.77 -6.89 17.69
C ASN A 232 -15.97 -7.93 16.90
N ALA A 233 -16.62 -9.05 16.56
CA ALA A 233 -15.93 -10.15 15.87
C ALA A 233 -15.41 -9.70 14.52
N SER A 234 -16.22 -8.92 13.80
CA SER A 234 -15.81 -8.55 12.43
C SER A 234 -14.59 -7.64 12.52
N ALA A 235 -14.58 -6.68 13.45
CA ALA A 235 -13.41 -5.77 13.60
C ALA A 235 -12.21 -6.58 14.12
N SER A 236 -12.40 -7.55 15.04
CA SER A 236 -11.28 -8.40 15.52
C SER A 236 -10.67 -9.23 14.40
N ALA A 237 -11.50 -9.84 13.54
CA ALA A 237 -11.00 -10.65 12.41
C ALA A 237 -10.17 -9.76 11.46
N LEU A 238 -10.63 -8.55 11.16
CA LEU A 238 -9.94 -7.61 10.23
C LEU A 238 -8.65 -7.05 10.81
N LEU A 239 -8.69 -6.55 12.06
CA LEU A 239 -7.63 -5.67 12.59
C LEU A 239 -6.63 -6.45 13.45
N GLY A 240 -7.08 -7.57 14.02
CA GLY A 240 -6.25 -8.40 14.90
C GLY A 240 -6.20 -7.84 16.31
N ASN A 241 -5.57 -8.57 17.21
CA ASN A 241 -5.57 -8.22 18.65
C ASN A 241 -4.12 -7.93 19.11
N ARG A 242 -3.21 -7.69 18.19
CA ARG A 242 -1.87 -7.11 18.53
C ARG A 242 -2.00 -5.61 18.59
N SER A 243 -1.30 -4.97 19.53
CA SER A 243 -1.33 -3.51 19.69
C SER A 243 -0.55 -2.80 18.57
N TRP A 244 -0.89 -1.55 18.36
CA TRP A 244 -0.12 -0.66 17.45
C TRP A 244 1.32 -0.61 17.98
N GLN A 245 1.54 -0.62 19.31
CA GLN A 245 2.93 -0.59 19.82
C GLN A 245 3.72 -1.84 19.37
N THR A 246 3.10 -3.00 19.47
CA THR A 246 3.69 -4.28 19.03
C THR A 246 4.11 -4.16 17.55
N ARG A 247 3.18 -3.72 16.72
CA ARG A 247 3.46 -3.52 15.28
C ARG A 247 4.62 -2.53 15.09
N ALA A 248 4.58 -1.39 15.76
CA ALA A 248 5.60 -0.33 15.61
C ALA A 248 6.98 -0.84 16.04
N LEU A 249 7.06 -1.68 17.07
CA LEU A 249 8.35 -2.18 17.55
C LEU A 249 9.02 -3.06 16.49
N LEU A 250 8.28 -3.59 15.49
CA LEU A 250 8.93 -4.32 14.38
C LEU A 250 9.81 -3.38 13.58
N ILE A 251 9.48 -2.11 13.51
CA ILE A 251 10.31 -1.11 12.80
C ILE A 251 11.67 -1.09 13.51
N LYS A 252 11.62 -0.89 14.83
CA LYS A 252 12.84 -0.89 15.66
C LYS A 252 13.59 -2.23 15.50
N ALA A 253 12.91 -3.39 15.46
CA ALA A 253 13.57 -4.69 15.37
C ALA A 253 14.40 -4.73 14.09
N LEU A 254 13.81 -4.35 12.96
CA LEU A 254 14.51 -4.43 11.67
C LEU A 254 15.63 -3.39 11.62
N ILE A 255 15.48 -2.20 12.21
CA ILE A 255 16.60 -1.24 12.32
C ILE A 255 17.75 -1.92 13.06
N ASP A 256 17.42 -2.56 14.17
CA ASP A 256 18.46 -3.14 15.04
C ASP A 256 19.17 -4.30 14.34
N GLN A 257 18.58 -4.90 13.29
CA GLN A 257 19.19 -6.02 12.53
C GLN A 257 19.92 -5.52 11.29
N GLY A 258 19.94 -4.22 11.04
CA GLY A 258 20.72 -3.64 9.93
C GLY A 258 19.88 -3.39 8.70
N TYR A 259 18.56 -3.41 8.82
CA TYR A 259 17.67 -3.29 7.64
C TYR A 259 17.00 -1.93 7.52
N MET A 260 17.52 -0.87 8.14
CA MET A 260 16.84 0.43 8.08
C MET A 260 16.56 0.87 6.63
N LYS A 261 17.41 0.56 5.66
CA LYS A 261 17.18 1.02 4.27
C LYS A 261 16.06 0.23 3.60
N GLN A 262 15.54 -0.83 4.21
CA GLN A 262 14.60 -1.73 3.53
C GLN A 262 13.22 -1.63 4.17
N ILE A 263 13.05 -0.73 5.10
CA ILE A 263 11.75 -0.64 5.83
C ILE A 263 10.90 0.42 5.14
N LEU A 264 9.65 0.07 4.89
CA LEU A 264 8.62 1.03 4.46
C LEU A 264 7.47 1.02 5.47
N VAL A 265 7.05 2.18 5.93
CA VAL A 265 6.04 2.30 7.01
C VAL A 265 4.78 2.97 6.45
N SER A 266 3.62 2.54 6.90
CA SER A 266 2.34 3.14 6.47
C SER A 266 1.25 2.75 7.45
N ASN A 267 0.06 3.31 7.20
CA ASN A 267 -1.11 3.10 8.06
C ASN A 267 -2.08 2.09 7.44
N ASP A 268 -2.07 1.92 6.12
CA ASP A 268 -3.12 1.14 5.42
C ASP A 268 -4.48 1.67 5.86
N TRP A 269 -4.62 2.98 5.80
CA TRP A 269 -5.88 3.66 6.12
C TRP A 269 -6.72 3.88 4.85
N LEU A 270 -7.96 4.27 5.08
CA LEU A 270 -8.94 4.55 4.02
C LEU A 270 -9.88 5.63 4.54
N PHE A 271 -10.60 6.26 3.62
CA PHE A 271 -11.67 7.25 3.91
C PHE A 271 -13.05 6.70 3.59
N GLY A 272 -13.11 5.61 2.82
CA GLY A 272 -14.32 4.82 2.54
C GLY A 272 -13.95 3.37 2.43
N PHE A 273 -14.85 2.46 2.77
CA PHE A 273 -14.56 1.03 2.82
C PHE A 273 -15.86 0.26 2.64
N SER A 274 -16.10 -0.19 1.42
CA SER A 274 -17.34 -0.92 1.07
C SER A 274 -17.09 -2.42 0.95
N SER A 275 -15.83 -2.85 0.88
CA SER A 275 -15.52 -4.30 0.63
C SER A 275 -15.52 -5.11 1.92
N TYR A 276 -16.04 -4.58 3.01
CA TYR A 276 -16.18 -5.33 4.26
C TYR A 276 -17.56 -5.02 4.86
N VAL A 277 -17.74 -5.24 6.15
CA VAL A 277 -19.05 -5.06 6.82
C VAL A 277 -19.41 -3.59 6.81
N THR A 278 -20.71 -3.34 6.77
CA THR A 278 -21.25 -1.96 6.81
C THR A 278 -20.71 -1.28 8.08
N ASN A 279 -20.37 -0.03 7.99
CA ASN A 279 -20.00 0.72 9.22
C ASN A 279 -18.59 0.34 9.75
N ILE A 280 -17.80 -0.51 9.07
CA ILE A 280 -16.37 -0.75 9.44
C ILE A 280 -15.59 0.58 9.46
N MET A 281 -15.85 1.51 8.52
CA MET A 281 -15.07 2.78 8.47
C MET A 281 -15.31 3.53 9.79
N ASP A 282 -16.53 3.53 10.30
CA ASP A 282 -16.81 4.25 11.57
C ASP A 282 -16.07 3.56 12.74
N VAL A 283 -15.98 2.23 12.72
CA VAL A 283 -15.28 1.50 13.80
C VAL A 283 -13.79 1.85 13.71
N MET A 284 -13.23 1.80 12.52
CA MET A 284 -11.78 2.08 12.31
C MET A 284 -11.49 3.54 12.69
N ASP A 285 -12.37 4.47 12.38
CA ASP A 285 -12.14 5.90 12.73
C ASP A 285 -12.19 6.08 14.25
N SER A 286 -12.96 5.28 14.96
CA SER A 286 -13.00 5.30 16.46
C SER A 286 -11.67 4.79 17.01
N VAL A 287 -11.12 3.76 16.39
CA VAL A 287 -9.84 3.16 16.85
C VAL A 287 -8.73 4.19 16.64
N ASN A 288 -8.71 4.82 15.46
CA ASN A 288 -7.58 5.68 15.05
C ASN A 288 -8.11 6.96 14.47
N PRO A 289 -8.51 7.92 15.35
CA PRO A 289 -8.99 9.20 14.86
C PRO A 289 -7.98 10.03 14.06
N ASP A 290 -6.68 9.74 14.20
CA ASP A 290 -5.61 10.42 13.43
C ASP A 290 -5.56 9.93 11.97
N GLY A 291 -6.17 8.79 11.65
CA GLY A 291 -6.18 8.32 10.25
C GLY A 291 -4.76 8.22 9.73
N MET A 292 -4.49 8.82 8.58
CA MET A 292 -3.19 8.68 7.90
C MET A 292 -2.12 9.50 8.65
N ALA A 293 -2.52 10.45 9.49
CA ALA A 293 -1.54 11.19 10.33
C ALA A 293 -1.02 10.31 11.49
N PHE A 294 -1.51 9.08 11.68
CA PHE A 294 -1.09 8.25 12.82
C PHE A 294 0.44 8.01 12.77
N ILE A 295 0.97 7.70 11.59
CA ILE A 295 2.44 7.48 11.48
C ILE A 295 3.22 8.68 12.01
N PRO A 296 3.09 9.88 11.44
CA PRO A 296 3.90 11.00 11.96
C PRO A 296 3.53 11.45 13.37
N LEU A 297 2.25 11.39 13.77
CA LEU A 297 1.87 11.96 15.07
C LEU A 297 2.14 11.01 16.22
N ARG A 298 2.05 9.70 16.00
CA ARG A 298 2.12 8.73 17.12
C ARG A 298 3.32 7.80 16.95
N VAL A 299 3.55 7.28 15.74
CA VAL A 299 4.59 6.22 15.56
C VAL A 299 6.00 6.83 15.63
N ILE A 300 6.21 7.94 14.98
CA ILE A 300 7.55 8.55 14.94
C ILE A 300 7.96 8.92 16.38
N PRO A 301 7.14 9.67 17.14
CA PRO A 301 7.48 10.01 18.52
C PRO A 301 7.71 8.79 19.39
N PHE A 302 6.91 7.71 19.20
CA PHE A 302 7.05 6.46 19.96
C PHE A 302 8.43 5.86 19.68
N LEU A 303 8.83 5.82 18.41
CA LEU A 303 10.15 5.22 18.08
C LEU A 303 11.28 6.12 18.61
N ARG A 304 11.11 7.43 18.55
CA ARG A 304 12.14 8.37 19.11
C ARG A 304 12.29 8.08 20.60
N GLU A 305 11.18 7.92 21.32
CA GLU A 305 11.18 7.61 22.78
C GLU A 305 11.88 6.26 23.00
N LYS A 306 11.76 5.29 22.09
CA LYS A 306 12.44 3.99 22.21
C LYS A 306 13.91 4.07 21.73
N GLY A 307 14.44 5.22 21.36
CA GLY A 307 15.88 5.37 21.08
C GLY A 307 16.22 5.38 19.61
N VAL A 308 15.23 5.32 18.70
CA VAL A 308 15.52 5.51 17.26
C VAL A 308 15.77 6.99 16.95
N SER A 309 16.79 7.27 16.16
CA SER A 309 17.23 8.64 15.84
C SER A 309 16.25 9.29 14.86
N GLN A 310 16.23 10.62 14.87
CA GLN A 310 15.47 11.44 13.89
C GLN A 310 16.00 11.14 12.49
N GLU A 311 17.31 11.01 12.32
CA GLU A 311 17.96 10.79 11.02
C GLU A 311 17.48 9.43 10.47
N THR A 312 17.46 8.41 11.31
CA THR A 312 17.05 7.06 10.85
C THR A 312 15.58 7.10 10.39
N LEU A 313 14.73 7.78 11.16
CA LEU A 313 13.28 7.87 10.83
C LEU A 313 13.07 8.69 9.55
N ALA A 314 13.84 9.75 9.33
CA ALA A 314 13.79 10.51 8.06
C ALA A 314 14.22 9.60 6.92
N GLY A 315 15.22 8.76 7.12
CA GLY A 315 15.66 7.85 6.06
C GLY A 315 14.55 6.86 5.70
N ILE A 316 13.81 6.41 6.72
CA ILE A 316 12.71 5.42 6.49
C ILE A 316 11.54 6.09 5.77
N THR A 317 11.18 7.33 6.14
CA THR A 317 9.93 7.98 5.68
C THR A 317 10.17 8.78 4.41
N VAL A 318 11.41 9.15 4.10
CA VAL A 318 11.69 10.00 2.93
C VAL A 318 12.59 9.24 1.97
N THR A 319 13.79 8.83 2.41
CA THR A 319 14.78 8.27 1.47
C THR A 319 14.29 6.91 0.91
N ASN A 320 13.79 6.03 1.78
CA ASN A 320 13.45 4.65 1.33
C ASN A 320 12.30 4.73 0.30
N PRO A 321 11.21 5.50 0.55
CA PRO A 321 10.14 5.58 -0.45
C PRO A 321 10.64 6.14 -1.78
N ALA A 322 11.46 7.17 -1.74
CA ALA A 322 12.02 7.72 -3.00
C ALA A 322 12.83 6.66 -3.77
N ARG A 323 13.67 5.89 -3.09
CA ARG A 323 14.53 4.87 -3.72
C ARG A 323 13.61 3.77 -4.28
N PHE A 324 12.55 3.45 -3.55
CA PHE A 324 11.60 2.40 -3.98
C PHE A 324 10.85 2.86 -5.24
N LEU A 325 10.29 4.07 -5.17
CA LEU A 325 9.33 4.52 -6.23
C LEU A 325 10.03 4.93 -7.50
N SER A 326 11.25 5.48 -7.37
CA SER A 326 12.11 5.90 -8.51
C SER A 326 12.21 4.77 -9.53
N PRO A 327 11.70 4.89 -10.78
CA PRO A 327 11.80 3.75 -11.70
C PRO A 327 13.25 3.35 -11.99
N THR A 328 13.49 2.03 -11.92
CA THR A 328 14.80 1.41 -12.17
C THR A 328 14.64 -0.12 -12.14
N LEU A 329 15.58 -0.86 -12.72
CA LEU A 329 15.55 -2.35 -12.65
C LEU A 329 16.24 -2.85 -11.36
N ARG A 330 17.08 -2.01 -10.78
CA ARG A 330 17.84 -2.42 -9.57
C ARG A 330 18.10 -1.17 -8.71
N ALA A 331 17.52 -1.10 -7.52
CA ALA A 331 17.66 0.10 -6.66
C ALA A 331 18.73 -0.12 -5.60
C FMT B . -3.55 -3.90 -0.56
O1 FMT B . -4.29 -3.00 -0.10
O2 FMT B . -3.31 -4.98 0.10
ZN ZN C . -4.22 -1.88 1.65
ZN ZN D . -3.95 -5.79 1.72
C1 GOL E . -19.39 -0.81 -16.80
O1 GOL E . -19.12 -1.60 -15.60
C2 GOL E . -18.89 0.67 -16.63
O2 GOL E . -17.61 0.93 -15.96
C3 GOL E . -19.92 1.42 -15.94
O3 GOL E . -20.44 2.29 -16.96
C1 GOL F . -4.67 -10.15 9.34
O1 GOL F . -5.76 -10.97 8.92
C2 GOL F . -4.66 -10.10 10.87
O2 GOL F . -5.89 -10.33 11.53
C3 GOL F . -4.19 -8.73 11.29
O3 GOL F . -2.94 -9.09 11.83
C1 GOL G . 19.32 5.77 -1.24
O1 GOL G . 19.11 7.08 -1.79
C2 GOL G . 20.25 5.54 0.01
O2 GOL G . 19.85 5.26 1.35
C3 GOL G . 21.70 5.60 -0.06
O3 GOL G . 21.96 4.19 0.11
CAC E8N H . 20.52 6.37 13.82
CAB E8N H . 20.81 4.78 16.23
CAA E8N H . 22.40 2.78 15.04
CAD E8N H . 20.89 2.72 14.75
CAF E8N H . 21.00 5.01 13.72
CAE E8N H . 18.93 6.20 13.84
CAH E8N H . 18.46 5.43 14.85
CAG E8N H . 18.98 4.16 14.75
CAI E8N H . 20.43 4.22 14.86
O1 UCJ I . -5.01 -3.31 2.63
P1 UCJ I . -6.23 -4.17 2.57
C1 UCJ I . -6.87 -4.36 4.30
O2 UCJ I . -7.55 -3.43 2.40
C2 UCJ I . -8.31 -3.62 1.36
C4 UCJ I . -7.54 -3.13 0.19
C3 UCJ I . -9.52 -2.76 1.65
O3 UCJ I . -5.97 -5.58 1.91
S SO4 J . 2.56 -14.90 14.05
O1 SO4 J . 3.66 -14.11 14.64
O2 SO4 J . 2.44 -14.65 12.62
O3 SO4 J . 1.32 -14.53 14.69
O4 SO4 J . 2.80 -16.29 14.26
S SO4 K . -2.78 4.04 23.22
O1 SO4 K . -1.71 5.01 23.34
O2 SO4 K . -2.32 2.73 23.62
O3 SO4 K . -3.89 4.41 24.07
O4 SO4 K . -3.23 4.07 21.86
S SO4 L . -13.42 13.72 9.34
O1 SO4 L . -12.22 14.43 8.93
O2 SO4 L . -13.13 12.33 9.61
O3 SO4 L . -13.93 14.36 10.53
O4 SO4 L . -14.36 13.82 8.25
#